data_5LO7
#
_entry.id   5LO7
#
_cell.length_a   41.980
_cell.length_b   41.970
_cell.length_c   150.830
_cell.angle_alpha   90.000
_cell.angle_beta   90.000
_cell.angle_gamma   90.000
#
_symmetry.space_group_name_H-M   'P 21 21 21'
#
loop_
_entity.id
_entity.type
_entity.pdbx_description
1 polymer 'Fimbrial protein MyfA,Fimbrial protein MyfA'
2 non-polymer 2-(2-METHOXYETHOXY)ETHANOL
3 water water
#
_entity_poly.entity_id   1
_entity_poly.type   'polypeptide(L)'
_entity_poly.pdbx_seq_one_letter_code
;FSVEFKATENEIVSGKLDADTPAFHLVMSDSGEHKGWNVRPTGASEGGQMVSADGTRVDLHTNELSWDNDHWWIDDGSER
VEATFFLAAGDEVKAGEYQFTGRVEEYVEDNKQEPTVINSKDISATKTVKE
;
_entity_poly.pdbx_strand_id   A,B
#
# COMPACT_ATOMS: atom_id res chain seq x y z
N PHE A 1 7.48 7.60 2.06
CA PHE A 1 6.84 7.41 3.35
C PHE A 1 5.69 8.39 3.50
N SER A 2 4.50 7.86 3.77
CA SER A 2 3.27 8.66 3.83
C SER A 2 2.43 8.22 5.02
N VAL A 3 1.75 9.16 5.67
CA VAL A 3 0.82 8.86 6.77
C VAL A 3 -0.48 9.66 6.55
N GLU A 4 -1.63 9.01 6.65
CA GLU A 4 -2.93 9.69 6.59
C GLU A 4 -3.69 9.32 7.85
N PHE A 5 -4.23 10.31 8.54
CA PHE A 5 -4.95 10.04 9.76
C PHE A 5 -6.10 11.01 9.84
N LYS A 6 -7.31 10.48 9.98
CA LYS A 6 -8.48 11.32 9.94
C LYS A 6 -9.57 10.70 10.75
N ALA A 7 -10.56 11.50 11.11
CA ALA A 7 -11.74 11.03 11.80
C ALA A 7 -12.56 10.11 10.88
N THR A 8 -13.22 9.12 11.44
CA THR A 8 -14.19 8.35 10.66
C THR A 8 -15.45 9.20 10.43
N GLU A 9 -16.31 8.73 9.54
CA GLU A 9 -17.44 9.53 9.06
C GLU A 9 -18.70 9.25 9.87
N ASN A 10 -18.74 8.09 10.51
CA ASN A 10 -19.90 7.71 11.32
C ASN A 10 -20.15 8.69 12.47
N GLU A 11 -21.42 9.00 12.72
CA GLU A 11 -21.77 9.93 13.77
C GLU A 11 -21.82 9.21 15.09
N ILE A 12 -21.35 9.86 16.14
CA ILE A 12 -21.43 9.33 17.49
C ILE A 12 -22.22 10.32 18.30
N VAL A 13 -23.10 9.82 19.15
CA VAL A 13 -24.02 10.68 19.91
C VAL A 13 -23.78 10.38 21.37
N SER A 14 -23.89 11.40 22.23
CA SER A 14 -23.56 11.24 23.64
C SER A 14 -24.28 10.05 24.23
N GLY A 15 -23.63 9.40 25.20
CA GLY A 15 -24.21 8.29 25.91
C GLY A 15 -23.26 7.11 26.02
N LYS A 16 -23.86 5.94 26.20
CA LYS A 16 -23.17 4.72 26.60
C LYS A 16 -23.30 3.71 25.49
N LEU A 17 -22.18 3.21 24.99
CA LEU A 17 -22.17 2.62 23.67
C LEU A 17 -22.52 1.16 23.77
N ASP A 18 -23.33 0.72 22.83
CA ASP A 18 -23.76 -0.67 22.77
C ASP A 18 -22.63 -1.51 22.25
N ALA A 19 -21.88 -0.92 21.33
CA ALA A 19 -20.83 -1.64 20.63
C ALA A 19 -19.58 -0.81 20.37
N ASP A 20 -18.53 -1.55 20.02
CA ASP A 20 -17.32 -1.00 19.50
C ASP A 20 -17.63 -0.06 18.35
N THR A 21 -17.13 1.18 18.43
CA THR A 21 -17.50 2.23 17.48
C THR A 21 -16.28 2.97 16.88
N PRO A 22 -16.16 3.02 15.55
CA PRO A 22 -15.03 3.68 14.90
C PRO A 22 -14.93 5.18 15.18
N ALA A 23 -13.71 5.68 15.35
CA ALA A 23 -13.50 7.12 15.58
C ALA A 23 -12.40 7.70 14.69
N PHE A 24 -11.38 6.91 14.37
CA PHE A 24 -10.32 7.38 13.50
C PHE A 24 -9.92 6.30 12.54
N HIS A 25 -9.33 6.73 11.44
CA HIS A 25 -8.77 5.81 10.50
C HIS A 25 -7.34 6.20 10.23
N LEU A 26 -6.46 5.20 10.16
CA LEU A 26 -5.05 5.48 9.89
C LEU A 26 -4.52 4.61 8.76
N VAL A 27 -3.65 5.20 7.95
CA VAL A 27 -2.91 4.46 6.92
C VAL A 27 -1.46 4.85 7.00
N MET A 28 -0.56 3.87 7.05
CA MET A 28 0.87 4.14 7.06
C MET A 28 1.51 3.41 5.89
N SER A 29 2.35 4.12 5.12
CA SER A 29 2.87 3.55 3.89
C SER A 29 4.30 3.94 3.58
N ASP A 30 5.02 2.99 2.99
CA ASP A 30 6.34 3.22 2.48
C ASP A 30 6.75 2.07 1.61
N SER A 31 7.24 2.40 0.41
CA SER A 31 7.73 1.43 -0.56
C SER A 31 9.07 0.86 -0.12
N GLY A 32 9.76 1.61 0.73
CA GLY A 32 11.08 1.22 1.18
C GLY A 32 11.01 0.17 2.27
N GLU A 33 12.12 -0.55 2.41
CA GLU A 33 12.22 -1.70 3.28
C GLU A 33 12.01 -1.32 4.73
N HIS A 34 11.19 -2.06 5.49
CA HIS A 34 11.01 -1.77 6.92
C HIS A 34 10.48 -2.96 7.69
N LYS A 35 10.60 -2.91 9.01
CA LYS A 35 10.12 -4.02 9.82
C LYS A 35 8.70 -3.78 10.30
N GLY A 36 8.39 -2.53 10.67
CA GLY A 36 7.01 -2.24 11.01
C GLY A 36 6.83 -0.83 11.47
N TRP A 37 5.84 -0.62 12.32
CA TRP A 37 5.46 0.72 12.72
C TRP A 37 5.10 0.86 14.19
N ASN A 38 5.28 2.06 14.73
CA ASN A 38 4.73 2.44 16.03
C ASN A 38 3.72 3.57 15.84
N VAL A 39 2.67 3.58 16.64
CA VAL A 39 1.84 4.77 16.78
C VAL A 39 1.92 5.21 18.25
N ARG A 40 2.65 6.30 18.49
CA ARG A 40 2.90 6.83 19.83
C ARG A 40 2.00 8.03 20.17
N PRO A 41 1.09 7.88 21.15
CA PRO A 41 0.29 9.03 21.55
C PRO A 41 1.14 10.14 22.16
N THR A 42 0.75 11.38 21.94
CA THR A 42 1.57 12.50 22.33
C THR A 42 0.70 13.46 23.06
N GLY A 43 1.35 14.29 23.86
CA GLY A 43 0.65 15.25 24.68
C GLY A 43 -0.50 14.63 25.46
N ALA A 44 -1.66 15.25 25.34
CA ALA A 44 -2.82 14.90 26.14
C ALA A 44 -3.36 13.52 25.81
N SER A 45 -2.94 12.98 24.68
CA SER A 45 -3.45 11.69 24.25
C SER A 45 -2.64 10.57 24.90
N GLU A 46 -1.55 10.96 25.57
CA GLU A 46 -0.66 10.01 26.25
C GLU A 46 -1.49 9.09 27.11
N GLY A 47 -1.29 7.79 26.94
CA GLY A 47 -2.18 6.79 27.52
C GLY A 47 -3.03 6.11 26.46
N GLY A 48 -3.06 6.71 25.27
CA GLY A 48 -3.80 6.13 24.16
C GLY A 48 -5.23 6.58 24.19
N GLN A 49 -5.44 7.83 24.56
CA GLN A 49 -6.78 8.37 24.72
C GLN A 49 -7.03 9.53 23.79
N MET A 50 -8.28 9.71 23.48
CA MET A 50 -8.72 10.90 22.81
C MET A 50 -9.34 11.88 23.84
N VAL A 51 -9.13 13.19 23.65
CA VAL A 51 -9.41 14.17 24.71
C VAL A 51 -10.23 15.37 24.20
N SER A 52 -11.29 15.75 24.94
CA SER A 52 -12.16 16.86 24.55
C SER A 52 -11.62 18.14 25.16
N ALA A 53 -12.27 19.26 24.87
CA ALA A 53 -11.83 20.55 25.39
C ALA A 53 -12.02 20.62 26.89
N ASP A 54 -13.08 19.99 27.41
CA ASP A 54 -13.34 20.03 28.86
C ASP A 54 -12.53 18.97 29.61
N GLY A 55 -11.65 18.25 28.90
CA GLY A 55 -10.70 17.36 29.54
C GLY A 55 -11.21 15.95 29.71
N THR A 56 -12.28 15.63 28.99
CA THR A 56 -12.88 14.31 29.11
C THR A 56 -12.04 13.35 28.26
N ARG A 57 -11.60 12.26 28.87
CA ARG A 57 -10.66 11.34 28.25
C ARG A 57 -11.36 10.03 27.86
N VAL A 58 -11.21 9.62 26.60
CA VAL A 58 -11.78 8.35 26.13
C VAL A 58 -10.74 7.44 25.48
N ASP A 59 -10.74 6.16 25.87
CA ASP A 59 -9.77 5.21 25.32
C ASP A 59 -10.01 4.92 23.85
N LEU A 60 -8.90 4.76 23.13
CA LEU A 60 -8.93 4.26 21.77
C LEU A 60 -8.43 2.81 21.78
N HIS A 61 -8.95 1.99 20.87
CA HIS A 61 -8.48 0.63 20.69
C HIS A 61 -8.47 0.34 19.22
N THR A 62 -7.64 -0.61 18.82
CA THR A 62 -7.61 -1.03 17.43
C THR A 62 -7.35 -2.51 17.36
N ASN A 63 -8.02 -3.18 16.45
CA ASN A 63 -7.76 -4.60 16.24
C ASN A 63 -6.69 -4.86 15.17
N GLU A 64 -6.22 -3.80 14.53
CA GLU A 64 -5.23 -3.95 13.49
C GLU A 64 -3.83 -3.78 14.04
N LEU A 65 -3.69 -3.16 15.21
CA LEU A 65 -2.37 -2.96 15.78
C LEU A 65 -2.26 -3.59 17.17
N SER A 66 -1.03 -3.83 17.61
CA SER A 66 -0.79 -4.35 18.95
C SER A 66 -0.46 -3.21 19.89
N TRP A 67 -0.38 -3.48 21.18
CA TRP A 67 -0.13 -2.46 22.18
C TRP A 67 1.01 -2.92 23.08
N ASP A 68 1.83 -1.99 23.54
CA ASP A 68 2.90 -2.29 24.46
C ASP A 68 3.00 -1.14 25.44
N ASN A 69 2.26 -1.26 26.55
CA ASN A 69 2.17 -0.25 27.62
C ASN A 69 1.54 1.10 27.26
N ASP A 70 2.10 1.81 26.30
CA ASP A 70 1.71 3.21 26.11
C ASP A 70 1.61 3.56 24.63
N HIS A 71 1.71 2.56 23.78
CA HIS A 71 1.69 2.82 22.37
C HIS A 71 1.29 1.60 21.55
N TRP A 72 0.81 1.83 20.33
CA TRP A 72 0.57 0.73 19.42
C TRP A 72 1.80 0.42 18.57
N TRP A 73 1.88 -0.81 18.09
CA TRP A 73 2.93 -1.17 17.17
C TRP A 73 2.48 -2.36 16.38
N ILE A 74 3.24 -2.64 15.33
CA ILE A 74 3.00 -3.77 14.46
C ILE A 74 4.25 -4.04 13.59
N ASP A 75 4.66 -5.30 13.50
CA ASP A 75 5.63 -5.69 12.49
C ASP A 75 4.91 -5.96 11.19
N ASP A 76 5.12 -5.13 10.18
CA ASP A 76 4.52 -5.37 8.89
C ASP A 76 5.45 -4.85 7.82
N GLY A 77 5.96 -5.75 7.00
CA GLY A 77 6.90 -5.35 5.96
C GLY A 77 6.29 -4.88 4.66
N SER A 78 4.98 -5.02 4.54
CA SER A 78 4.34 -4.66 3.28
C SER A 78 4.41 -3.13 3.08
N GLU A 79 3.98 -2.67 1.92
CA GLU A 79 4.10 -1.26 1.57
C GLU A 79 3.11 -0.38 2.34
N ARG A 80 2.07 -0.99 2.91
CA ARG A 80 0.92 -0.25 3.41
C ARG A 80 0.18 -1.01 4.48
N VAL A 81 -0.13 -0.31 5.59
CA VAL A 81 -0.92 -0.85 6.69
C VAL A 81 -2.06 0.12 6.98
N GLU A 82 -3.27 -0.42 7.16
CA GLU A 82 -4.45 0.37 7.46
C GLU A 82 -4.90 0.04 8.89
N ALA A 83 -5.41 1.02 9.64
CA ALA A 83 -5.98 0.75 10.98
C ALA A 83 -7.15 1.66 11.34
N THR A 84 -8.14 1.06 11.99
CA THR A 84 -9.28 1.77 12.52
C THR A 84 -9.17 1.83 14.03
N PHE A 85 -9.36 3.02 14.59
CA PHE A 85 -9.43 3.17 16.02
C PHE A 85 -10.86 3.34 16.42
N PHE A 86 -11.28 2.49 17.35
CA PHE A 86 -12.66 2.48 17.75
C PHE A 86 -12.74 2.70 19.26
N LEU A 87 -13.93 3.13 19.67
CA LEU A 87 -14.31 3.28 21.07
C LEU A 87 -15.06 2.03 21.47
N ALA A 88 -14.81 1.56 22.67
CA ALA A 88 -15.31 0.28 23.09
C ALA A 88 -16.77 0.35 23.50
N ALA A 89 -17.43 -0.80 23.40
CA ALA A 89 -18.82 -0.96 23.79
C ALA A 89 -18.89 -0.63 25.27
N GLY A 90 -19.92 0.13 25.64
CA GLY A 90 -20.23 0.33 27.04
C GLY A 90 -19.77 1.71 27.44
N ASP A 91 -18.59 2.08 26.96
CA ASP A 91 -18.02 3.41 27.22
C ASP A 91 -19.07 4.55 27.19
N GLU A 92 -19.06 5.39 28.21
CA GLU A 92 -19.87 6.60 28.23
C GLU A 92 -19.11 7.64 27.46
N VAL A 93 -19.79 8.35 26.56
CA VAL A 93 -19.10 9.40 25.81
C VAL A 93 -19.86 10.71 25.82
N LYS A 94 -19.15 11.72 26.30
CA LYS A 94 -19.76 12.90 26.87
C LYS A 94 -19.47 14.01 25.89
N ALA A 95 -19.07 15.17 26.42
CA ALA A 95 -19.08 16.40 25.67
C ALA A 95 -17.81 16.76 24.91
N GLY A 96 -17.96 16.71 23.58
CA GLY A 96 -17.29 17.66 22.74
C GLY A 96 -16.60 17.20 21.50
N GLU A 97 -15.55 17.96 21.19
CA GLU A 97 -14.70 17.74 20.04
C GLU A 97 -13.44 17.13 20.57
N TYR A 98 -13.29 15.85 20.28
CA TYR A 98 -12.27 15.05 20.90
C TYR A 98 -11.06 14.89 19.96
N GLN A 99 -9.87 15.28 20.42
CA GLN A 99 -8.68 15.27 19.59
C GLN A 99 -7.77 14.13 19.95
N PHE A 100 -7.22 13.47 18.94
CA PHE A 100 -6.10 12.56 19.18
C PHE A 100 -4.85 13.11 18.50
N THR A 101 -3.76 13.16 19.24
CA THR A 101 -2.47 13.55 18.71
C THR A 101 -1.52 12.42 19.00
N GLY A 102 -0.67 12.11 18.03
CA GLY A 102 0.29 11.06 18.24
C GLY A 102 1.43 11.24 17.27
N ARG A 103 2.34 10.27 17.25
CA ARG A 103 3.43 10.27 16.29
C ARG A 103 3.64 8.90 15.70
N VAL A 104 3.57 8.81 14.39
CA VAL A 104 3.81 7.56 13.70
C VAL A 104 5.30 7.40 13.55
N GLU A 105 5.78 6.17 13.71
CA GLU A 105 7.18 5.85 13.46
C GLU A 105 7.29 4.64 12.54
N GLU A 106 8.25 4.68 11.61
CA GLU A 106 8.59 3.51 10.80
C GLU A 106 9.93 2.99 11.32
N TYR A 107 10.05 1.70 11.59
CA TYR A 107 11.32 1.17 12.11
C TYR A 107 11.83 -0.03 11.33
N VAL A 108 13.12 -0.34 11.54
CA VAL A 108 13.77 -1.52 10.98
C VAL A 108 14.48 -2.34 12.08
N GLU A 109 15.08 -3.46 11.68
CA GLU A 109 16.02 -4.26 12.50
C GLU A 109 15.31 -5.31 13.35
N THR A 116 15.10 0.60 15.57
CA THR A 116 15.68 1.74 14.85
C THR A 116 14.64 2.45 13.98
N VAL A 117 14.37 3.71 14.32
CA VAL A 117 13.38 4.51 13.60
C VAL A 117 14.07 5.24 12.45
N ILE A 118 13.44 5.18 11.27
CA ILE A 118 14.01 5.69 10.03
C ILE A 118 13.09 6.72 9.35
N ASN A 119 11.87 6.86 9.85
CA ASN A 119 10.93 7.90 9.41
C ASN A 119 9.87 8.11 10.50
N SER A 120 9.37 9.33 10.63
CA SER A 120 8.29 9.60 11.59
C SER A 120 7.55 10.89 11.27
N LYS A 121 6.33 10.94 11.74
CA LYS A 121 5.48 12.08 11.49
C LYS A 121 4.34 12.16 12.50
N ASP A 122 4.07 13.39 12.94
CA ASP A 122 2.95 13.65 13.82
C ASP A 122 1.65 13.43 13.13
N ILE A 123 0.67 12.97 13.88
CA ILE A 123 -0.68 12.85 13.40
C ILE A 123 -1.55 13.53 14.42
N SER A 124 -2.61 14.15 13.93
CA SER A 124 -3.59 14.74 14.80
C SER A 124 -4.93 14.69 14.10
N ALA A 125 -6.00 14.41 14.83
CA ALA A 125 -7.32 14.56 14.26
C ALA A 125 -8.34 14.68 15.38
N THR A 126 -9.49 15.24 15.03
CA THR A 126 -10.51 15.54 15.99
C THR A 126 -11.79 14.87 15.59
N LYS A 127 -12.38 14.12 16.49
CA LYS A 127 -13.65 13.45 16.24
C LYS A 127 -14.74 14.08 17.07
N THR A 128 -15.89 14.32 16.44
CA THR A 128 -17.01 14.96 17.11
C THR A 128 -17.92 13.93 17.80
N VAL A 129 -18.47 14.27 18.96
CA VAL A 129 -19.59 13.51 19.54
C VAL A 129 -20.73 14.42 19.89
N LYS A 130 -21.92 14.15 19.30
CA LYS A 130 -23.25 14.36 19.93
C LYS A 130 -24.41 14.92 19.15
N GLU A 131 -25.54 14.88 19.85
CA GLU A 131 -26.64 15.85 19.78
C GLU A 131 -26.22 17.22 19.26
N PHE B 1 2.91 -6.57 -35.54
CA PHE B 1 3.05 -6.04 -34.17
C PHE B 1 1.88 -6.44 -33.29
N SER B 2 2.17 -7.26 -32.28
CA SER B 2 1.16 -7.72 -31.36
C SER B 2 1.77 -7.67 -29.98
N VAL B 3 0.92 -7.51 -28.96
CA VAL B 3 1.36 -7.57 -27.58
C VAL B 3 0.41 -8.48 -26.83
N GLU B 4 0.94 -9.39 -26.02
CA GLU B 4 0.14 -10.22 -25.12
C GLU B 4 0.60 -9.93 -23.71
N PHE B 5 -0.34 -9.61 -22.83
CA PHE B 5 0.01 -9.36 -21.46
C PHE B 5 -1.04 -9.89 -20.49
N LYS B 6 -0.64 -10.80 -19.61
CA LYS B 6 -1.64 -11.41 -18.76
C LYS B 6 -1.09 -11.90 -17.45
N ALA B 7 -1.99 -12.03 -16.48
CA ALA B 7 -1.62 -12.56 -15.19
C ALA B 7 -1.16 -14.02 -15.33
N THR B 8 -0.17 -14.41 -14.54
CA THR B 8 0.30 -15.80 -14.55
C THR B 8 -0.74 -16.72 -13.89
N GLU B 9 -0.47 -18.02 -13.94
CA GLU B 9 -1.45 -19.02 -13.51
C GLU B 9 -1.22 -19.42 -12.07
N ASN B 10 -0.01 -19.20 -11.57
CA ASN B 10 0.34 -19.63 -10.22
C ASN B 10 -0.41 -18.85 -9.16
N GLU B 11 -0.93 -19.54 -8.16
CA GLU B 11 -1.70 -18.88 -7.11
C GLU B 11 -0.79 -18.24 -6.05
N ILE B 12 -1.07 -17.00 -5.67
CA ILE B 12 -0.31 -16.34 -4.63
C ILE B 12 -1.18 -16.11 -3.39
N VAL B 13 -0.62 -16.41 -2.22
CA VAL B 13 -1.29 -16.19 -0.96
C VAL B 13 -0.57 -15.04 -0.27
N SER B 14 -1.29 -14.28 0.54
CA SER B 14 -0.67 -13.22 1.31
C SER B 14 0.30 -13.79 2.34
N GLY B 15 1.38 -13.08 2.57
CA GLY B 15 2.37 -13.50 3.53
C GLY B 15 3.71 -13.07 3.00
N LYS B 16 4.77 -13.49 3.68
CA LYS B 16 6.11 -13.26 3.21
C LYS B 16 6.40 -14.28 2.09
N LEU B 17 6.82 -13.81 0.93
CA LEU B 17 7.14 -14.68 -0.21
C LEU B 17 8.44 -15.42 0.05
N ASP B 18 8.45 -16.73 -0.19
CA ASP B 18 9.61 -17.57 0.08
C ASP B 18 10.55 -17.64 -1.13
N ALA B 19 10.06 -17.18 -2.27
CA ALA B 19 10.87 -17.16 -3.46
C ALA B 19 10.38 -16.09 -4.39
N ASP B 20 11.18 -15.87 -5.43
CA ASP B 20 10.79 -15.06 -6.58
C ASP B 20 9.58 -15.73 -7.22
N THR B 21 8.49 -14.98 -7.27
CA THR B 21 7.16 -15.51 -7.52
C THR B 21 6.50 -14.80 -8.70
N PRO B 22 6.19 -15.54 -9.79
CA PRO B 22 5.54 -14.94 -10.97
C PRO B 22 4.12 -14.35 -10.79
N ALA B 23 3.86 -13.29 -11.56
CA ALA B 23 2.66 -12.47 -11.42
C ALA B 23 2.07 -12.15 -12.79
N PHE B 24 2.92 -11.78 -13.74
CA PHE B 24 2.46 -11.43 -15.09
C PHE B 24 3.39 -11.98 -16.17
N HIS B 25 2.82 -12.26 -17.34
CA HIS B 25 3.58 -12.68 -18.50
C HIS B 25 3.32 -11.78 -19.71
N LEU B 26 4.39 -11.37 -20.34
CA LEU B 26 4.33 -10.40 -21.42
C LEU B 26 4.92 -11.02 -22.70
N VAL B 27 4.24 -10.86 -23.83
CA VAL B 27 4.82 -11.24 -25.13
C VAL B 27 4.71 -10.07 -26.07
N MET B 28 5.85 -9.66 -26.61
CA MET B 28 5.92 -8.59 -27.58
C MET B 28 6.47 -9.16 -28.87
N SER B 29 5.69 -9.03 -29.95
CA SER B 29 6.05 -9.62 -31.24
C SER B 29 6.06 -8.63 -32.40
N ASP B 30 7.06 -8.76 -33.25
CA ASP B 30 7.04 -8.17 -34.59
C ASP B 30 8.13 -8.83 -35.44
N SER B 31 7.72 -9.48 -36.52
CA SER B 31 8.70 -10.04 -37.45
C SER B 31 9.38 -8.92 -38.26
N GLY B 32 8.74 -7.75 -38.33
CA GLY B 32 9.36 -6.60 -38.96
C GLY B 32 10.63 -6.14 -38.26
N GLU B 33 11.44 -5.37 -38.98
CA GLU B 33 12.76 -4.94 -38.51
C GLU B 33 12.63 -3.87 -37.44
N HIS B 34 13.27 -4.09 -36.30
CA HIS B 34 13.15 -3.17 -35.17
C HIS B 34 14.33 -3.35 -34.26
N LYS B 35 14.58 -2.36 -33.40
CA LYS B 35 15.75 -2.42 -32.55
C LYS B 35 15.43 -2.99 -31.18
N GLY B 36 14.28 -2.61 -30.65
CA GLY B 36 13.90 -3.09 -29.35
C GLY B 36 12.54 -2.63 -28.90
N TRP B 37 12.34 -2.71 -27.59
CA TRP B 37 11.07 -2.38 -26.98
C TRP B 37 11.23 -1.57 -25.71
N ASN B 38 10.18 -0.84 -25.36
CA ASN B 38 10.01 -0.27 -24.03
C ASN B 38 8.74 -0.79 -23.42
N VAL B 39 8.78 -0.99 -22.10
CA VAL B 39 7.57 -1.25 -21.33
C VAL B 39 7.49 -0.19 -20.24
N ARG B 40 6.57 0.76 -20.43
CA ARG B 40 6.47 1.97 -19.60
C ARG B 40 5.24 1.92 -18.68
N PRO B 41 5.46 1.91 -17.34
CA PRO B 41 4.31 1.84 -16.41
C PRO B 41 3.44 3.08 -16.51
N THR B 42 2.14 2.94 -16.28
CA THR B 42 1.24 4.08 -16.41
C THR B 42 0.35 4.15 -15.20
N GLY B 43 -0.09 5.37 -14.90
CA GLY B 43 -1.08 5.59 -13.87
C GLY B 43 -0.55 5.20 -12.53
N ALA B 44 -1.34 4.44 -11.80
CA ALA B 44 -1.00 4.00 -10.46
C ALA B 44 0.29 3.17 -10.42
N SER B 45 0.60 2.51 -11.53
CA SER B 45 1.69 1.57 -11.56
C SER B 45 3.02 2.26 -11.76
N GLU B 46 3.00 3.57 -11.99
CA GLU B 46 4.22 4.30 -12.24
C GLU B 46 5.21 4.09 -11.10
N GLY B 47 6.47 3.84 -11.45
CA GLY B 47 7.45 3.40 -10.47
C GLY B 47 7.78 1.94 -10.66
N GLY B 48 6.91 1.23 -11.38
CA GLY B 48 7.10 -0.20 -11.60
C GLY B 48 6.34 -1.09 -10.65
N GLN B 49 5.13 -0.67 -10.25
CA GLN B 49 4.34 -1.40 -9.24
C GLN B 49 3.03 -1.94 -9.78
N MET B 50 2.55 -3.05 -9.22
CA MET B 50 1.13 -3.42 -9.32
C MET B 50 0.42 -2.90 -8.09
N VAL B 51 -0.77 -2.37 -8.29
CA VAL B 51 -1.43 -1.59 -7.27
C VAL B 51 -2.82 -2.15 -7.05
N SER B 52 -3.18 -2.38 -5.79
CA SER B 52 -4.48 -2.96 -5.46
C SER B 52 -5.53 -1.87 -5.39
N ALA B 53 -6.79 -2.25 -5.16
CA ALA B 53 -7.87 -1.29 -4.98
C ALA B 53 -7.55 -0.27 -3.89
N ASP B 54 -7.09 -0.74 -2.73
CA ASP B 54 -6.89 0.17 -1.61
C ASP B 54 -5.56 0.90 -1.75
N GLY B 55 -4.92 0.78 -2.91
CA GLY B 55 -3.74 1.55 -3.20
C GLY B 55 -2.44 0.87 -2.84
N THR B 56 -2.50 -0.32 -2.25
CA THR B 56 -1.28 -1.02 -1.82
C THR B 56 -0.41 -1.36 -3.03
N ARG B 57 0.89 -1.14 -2.92
CA ARG B 57 1.80 -1.35 -4.04
C ARG B 57 2.76 -2.52 -3.78
N VAL B 58 3.02 -3.31 -4.81
CA VAL B 58 4.08 -4.31 -4.77
C VAL B 58 5.01 -4.12 -5.99
N ASP B 59 6.31 -4.07 -5.74
CA ASP B 59 7.26 -3.88 -6.81
C ASP B 59 7.27 -5.09 -7.73
N LEU B 60 7.39 -4.83 -9.04
CA LEU B 60 7.55 -5.88 -10.03
C LEU B 60 8.98 -5.94 -10.56
N HIS B 61 9.42 -7.15 -10.92
CA HIS B 61 10.79 -7.37 -11.36
C HIS B 61 10.80 -8.29 -12.56
N THR B 62 11.79 -8.16 -13.44
CA THR B 62 11.97 -9.11 -14.54
C THR B 62 13.44 -9.26 -14.89
N ASN B 63 13.84 -10.48 -15.20
CA ASN B 63 15.22 -10.75 -15.58
C ASN B 63 15.41 -10.70 -17.08
N GLU B 64 14.31 -10.59 -17.82
CA GLU B 64 14.36 -10.54 -19.27
C GLU B 64 14.50 -9.13 -19.82
N LEU B 65 14.37 -8.11 -18.96
CA LEU B 65 14.43 -6.72 -19.43
C LEU B 65 15.37 -5.88 -18.58
N SER B 66 15.84 -4.78 -19.15
CA SER B 66 16.67 -3.83 -18.43
C SER B 66 15.78 -2.73 -17.93
N TRP B 67 16.34 -1.74 -17.25
CA TRP B 67 15.53 -0.74 -16.60
C TRP B 67 16.26 0.58 -16.73
N ASP B 68 15.51 1.64 -17.04
CA ASP B 68 16.08 2.97 -17.19
C ASP B 68 15.21 3.99 -16.44
N ASN B 69 15.59 4.25 -15.20
CA ASN B 69 14.88 5.10 -14.24
C ASN B 69 13.43 4.75 -13.93
N ASP B 70 12.59 4.66 -14.94
CA ASP B 70 11.14 4.62 -14.69
C ASP B 70 10.44 3.61 -15.59
N HIS B 71 11.22 2.85 -16.36
CA HIS B 71 10.64 1.91 -17.31
C HIS B 71 11.64 0.82 -17.67
N TRP B 72 11.10 -0.28 -18.19
CA TRP B 72 11.91 -1.36 -18.66
C TRP B 72 12.22 -1.16 -20.14
N TRP B 73 13.24 -1.83 -20.64
CA TRP B 73 13.51 -1.73 -22.06
C TRP B 73 14.43 -2.85 -22.45
N ILE B 74 14.47 -3.16 -23.73
CA ILE B 74 15.41 -4.13 -24.21
C ILE B 74 15.66 -3.93 -25.70
N ASP B 75 16.93 -3.98 -26.08
CA ASP B 75 17.27 -4.03 -27.48
C ASP B 75 17.15 -5.49 -27.85
N ASP B 76 16.17 -5.83 -28.67
CA ASP B 76 16.02 -7.21 -29.12
C ASP B 76 15.26 -7.15 -30.43
N GLY B 77 15.94 -7.49 -31.51
CA GLY B 77 15.39 -7.31 -32.82
C GLY B 77 14.64 -8.53 -33.33
N SER B 78 14.64 -9.60 -32.54
CA SER B 78 14.04 -10.86 -32.96
C SER B 78 12.55 -10.64 -33.20
N GLU B 79 11.88 -11.69 -33.63
CA GLU B 79 10.47 -11.59 -33.88
C GLU B 79 9.65 -11.55 -32.61
N ARG B 80 10.17 -12.15 -31.54
CA ARG B 80 9.38 -12.28 -30.33
C ARG B 80 10.24 -12.13 -29.10
N VAL B 81 9.75 -11.35 -28.16
CA VAL B 81 10.37 -11.22 -26.87
C VAL B 81 9.37 -11.60 -25.83
N GLU B 82 9.80 -12.42 -24.90
CA GLU B 82 8.97 -12.76 -23.78
C GLU B 82 9.54 -12.17 -22.58
N ALA B 83 8.67 -11.97 -21.61
CA ALA B 83 9.12 -11.54 -20.33
C ALA B 83 8.13 -12.00 -19.27
N THR B 84 8.68 -12.33 -18.12
CA THR B 84 7.88 -12.63 -16.94
C THR B 84 8.18 -11.65 -15.83
N PHE B 85 7.12 -11.12 -15.24
CA PHE B 85 7.24 -10.20 -14.11
C PHE B 85 6.96 -10.91 -12.79
N PHE B 86 7.92 -10.88 -11.88
CA PHE B 86 7.81 -11.60 -10.60
C PHE B 86 7.89 -10.68 -9.39
N LEU B 87 7.39 -11.18 -8.27
CA LEU B 87 7.49 -10.49 -6.99
C LEU B 87 8.70 -11.04 -6.25
N ALA B 88 9.43 -10.19 -5.55
CA ALA B 88 10.71 -10.62 -5.02
C ALA B 88 10.54 -11.50 -3.80
N ALA B 89 11.37 -12.53 -3.69
CA ALA B 89 11.43 -13.38 -2.52
C ALA B 89 11.55 -12.50 -1.29
N GLY B 90 10.74 -12.78 -0.27
CA GLY B 90 10.82 -12.06 1.00
C GLY B 90 9.81 -10.95 1.16
N ASP B 91 9.36 -10.38 0.05
CA ASP B 91 8.35 -9.34 0.10
C ASP B 91 7.07 -9.83 0.77
N GLU B 92 6.58 -9.08 1.75
CA GLU B 92 5.33 -9.42 2.40
C GLU B 92 4.21 -8.86 1.59
N VAL B 93 3.35 -9.74 1.10
CA VAL B 93 2.29 -9.33 0.20
C VAL B 93 0.92 -9.47 0.87
N LYS B 94 0.11 -8.45 0.63
CA LYS B 94 -1.18 -8.33 1.25
C LYS B 94 -2.28 -8.13 0.24
N ALA B 95 -3.12 -7.10 0.51
CA ALA B 95 -4.57 -7.14 0.24
C ALA B 95 -5.03 -6.56 -1.07
N GLY B 96 -5.11 -7.49 -2.03
CA GLY B 96 -6.10 -7.42 -3.07
C GLY B 96 -5.91 -8.07 -4.40
N GLU B 97 -6.57 -7.41 -5.33
CA GLU B 97 -6.51 -7.71 -6.72
C GLU B 97 -5.64 -6.57 -7.22
N TYR B 98 -4.43 -6.92 -7.65
CA TYR B 98 -3.43 -5.91 -7.94
C TYR B 98 -3.32 -5.73 -9.43
N GLN B 99 -3.49 -4.51 -9.89
CA GLN B 99 -3.47 -4.25 -11.30
C GLN B 99 -2.14 -3.60 -11.71
N PHE B 100 -1.64 -4.00 -12.87
CA PHE B 100 -0.57 -3.24 -13.53
C PHE B 100 -1.06 -2.66 -14.84
N THR B 101 -0.78 -1.39 -15.08
CA THR B 101 -1.09 -0.75 -16.34
C THR B 101 0.20 -0.16 -16.90
N GLY B 102 0.38 -0.28 -18.21
CA GLY B 102 1.52 0.33 -18.87
C GLY B 102 1.30 0.54 -20.35
N ARG B 103 2.37 0.95 -21.02
CA ARG B 103 2.36 1.06 -22.47
C ARG B 103 3.57 0.42 -23.06
N VAL B 104 3.37 -0.35 -24.11
CA VAL B 104 4.46 -0.99 -24.83
C VAL B 104 4.80 -0.16 -26.04
N GLU B 105 6.09 -0.05 -26.31
CA GLU B 105 6.58 0.70 -27.45
C GLU B 105 7.64 -0.12 -28.18
N GLU B 106 7.52 -0.17 -29.51
CA GLU B 106 8.49 -0.84 -30.35
C GLU B 106 9.29 0.27 -31.01
N TYR B 107 10.61 0.22 -30.96
CA TYR B 107 11.45 1.26 -31.55
C TYR B 107 12.50 0.73 -32.52
N VAL B 108 13.00 1.65 -33.35
CA VAL B 108 14.00 1.38 -34.39
C VAL B 108 15.18 2.33 -34.26
N GLU B 109 16.30 2.01 -34.90
CA GLU B 109 17.43 2.93 -34.89
C GLU B 109 17.24 3.97 -35.98
N ASP B 110 17.69 5.20 -35.74
CA ASP B 110 17.65 6.25 -36.75
C ASP B 110 18.72 7.32 -36.51
N THR B 116 13.50 5.68 -31.57
CA THR B 116 12.43 6.12 -32.45
C THR B 116 11.26 5.10 -32.52
N VAL B 117 10.11 5.49 -31.98
CA VAL B 117 9.01 4.55 -31.76
C VAL B 117 8.13 4.42 -33.00
N ILE B 118 7.82 3.19 -33.39
CA ILE B 118 7.01 2.92 -34.60
C ILE B 118 5.67 2.23 -34.35
N ASN B 119 5.48 1.72 -33.15
CA ASN B 119 4.23 1.08 -32.77
C ASN B 119 4.12 1.22 -31.27
N SER B 120 2.89 1.26 -30.76
CA SER B 120 2.71 1.34 -29.32
C SER B 120 1.32 0.87 -28.95
N LYS B 121 1.19 0.35 -27.74
CA LYS B 121 -0.06 -0.21 -27.31
C LYS B 121 -0.11 -0.31 -25.79
N ASP B 122 -1.23 0.09 -25.20
CA ASP B 122 -1.43 -0.07 -23.76
C ASP B 122 -1.59 -1.53 -23.35
N ILE B 123 -1.12 -1.85 -22.15
CA ILE B 123 -1.33 -3.18 -21.58
C ILE B 123 -1.94 -3.02 -20.19
N SER B 124 -2.73 -4.01 -19.78
CA SER B 124 -3.40 -3.97 -18.48
C SER B 124 -3.77 -5.39 -18.03
N ALA B 125 -3.52 -5.71 -16.77
CA ALA B 125 -3.88 -7.01 -16.24
C ALA B 125 -3.94 -6.91 -14.74
N THR B 126 -4.59 -7.90 -14.13
CA THR B 126 -4.76 -7.93 -12.68
C THR B 126 -4.34 -9.28 -12.16
N LYS B 127 -3.61 -9.27 -11.06
CA LYS B 127 -3.18 -10.48 -10.42
C LYS B 127 -3.87 -10.55 -9.06
N THR B 128 -4.46 -11.69 -8.74
CA THR B 128 -5.05 -11.87 -7.41
C THR B 128 -4.03 -12.37 -6.42
N VAL B 129 -4.09 -11.82 -5.22
CA VAL B 129 -3.41 -12.44 -4.11
C VAL B 129 -4.49 -12.86 -3.12
N LYS B 130 -4.36 -14.13 -2.68
CA LYS B 130 -4.70 -14.64 -1.33
C LYS B 130 -6.13 -15.13 -1.04
N GLU B 131 -6.69 -14.62 0.06
CA GLU B 131 -7.44 -15.39 1.01
C GLU B 131 -8.50 -14.45 1.57
#